data_6YP9
#
_entry.id   6YP9
#
_cell.length_a   50.552
_cell.length_b   69.017
_cell.length_c   147.948
_cell.angle_alpha   90
_cell.angle_beta   90
_cell.angle_gamma   90
#
_symmetry.space_group_name_H-M   'P 21 21 21'
#
loop_
_entity.id
_entity.type
_entity.pdbx_description
1 polymer 'Actin, alpha skeletal muscle'
2 polymer Twinfilin-1
3 non-polymer "ADENOSINE-5'-TRIPHOSPHATE"
4 non-polymer 'CALCIUM ION'
5 water water
#
loop_
_entity_poly.entity_id
_entity_poly.type
_entity_poly.pdbx_seq_one_letter_code
_entity_poly.pdbx_strand_id
1 'polypeptide(L)'
;DEDETTALVCDNGSGLVKAGFAGDDAPRAVFPSIVGRPRHQGVMVGMGQKDSYVGDEAQSKRGILTLKYPIE(HIC)GII
TNWDDMEKIWHHTFYNELRVAPEEHPTLLTEAPLNPKANREKMTQIMFETFNVPAMYVAIQAVLSLYASGRTTGIVLDSG
DGVTHNVPIYEGYALPHAIMRLDLAGRDLTDYLMKILTERGYSFVTTAEREIVRDIKEKLCYVALDFENEMATAASSSSL
EKSYELPDGQVITIGNERFRCPETLFQPSFIGMESAGIHETTYNSIMKCDIDIRKDLYANNVMSGGTTMYPGIADRMQKE
ITALAPSTMKIKIIAPPERKYSVWIGGSILASLSTFQQMWITKQEYDEAGPSIVHRKCF
;
A
2 'polypeptide(L)'
;QGVAFPISRDAFQALEKLSKKQLNYVQLEIDIKNETIILANTENTELRDLPKRIPKDSARYHFFLYKHSHEGDYLESVVF
IYSMPGYTCSIRERMLYSSCKSPLLEIVERQLQMDVIRKIEIDNGDELTADFLYDEVHPK
;
B
#
# COMPACT_ATOMS: atom_id res chain seq x y z
N ASP A 3 27.57 2.94 5.61
CA ASP A 3 27.82 1.67 4.93
C ASP A 3 27.81 1.82 3.41
N GLU A 4 28.89 1.35 2.73
CA GLU A 4 28.96 1.38 1.25
C GLU A 4 28.06 0.33 0.60
N THR A 5 27.38 -0.52 1.38
CA THR A 5 26.53 -1.57 0.82
C THR A 5 25.07 -1.52 1.33
N THR A 6 24.61 -0.33 1.77
CA THR A 6 23.26 -0.16 2.30
C THR A 6 22.18 -0.60 1.29
N ALA A 7 21.18 -1.39 1.73
CA ALA A 7 20.10 -1.79 0.83
C ALA A 7 19.38 -0.56 0.24
N LEU A 8 18.95 -0.66 -1.01
CA LEU A 8 18.29 0.44 -1.70
C LEU A 8 16.84 0.09 -1.92
N VAL A 9 15.99 1.12 -2.04
CA VAL A 9 14.55 0.99 -2.27
C VAL A 9 14.21 1.91 -3.39
N CYS A 10 13.59 1.36 -4.41
CA CYS A 10 13.20 2.13 -5.56
C CYS A 10 11.75 1.85 -5.86
N ASP A 11 10.89 2.84 -5.63
CA ASP A 11 9.47 2.75 -5.91
C ASP A 11 9.25 3.40 -7.27
N ASN A 12 9.14 2.57 -8.29
CA ASN A 12 8.98 3.04 -9.67
C ASN A 12 7.51 3.36 -9.96
N GLY A 13 7.17 4.64 -9.92
CA GLY A 13 5.82 5.10 -10.21
C GLY A 13 5.73 5.65 -11.61
N SER A 14 4.52 5.65 -12.19
CA SER A 14 4.32 6.15 -13.55
C SER A 14 4.59 7.65 -13.75
N GLY A 15 4.60 8.41 -12.67
CA GLY A 15 4.84 9.84 -12.72
C GLY A 15 6.13 10.24 -12.04
N LEU A 16 6.41 9.67 -10.87
CA LEU A 16 7.59 9.96 -10.06
C LEU A 16 8.32 8.69 -9.58
N VAL A 17 9.65 8.77 -9.44
CA VAL A 17 10.47 7.69 -8.90
C VAL A 17 10.81 8.14 -7.47
N LYS A 18 10.47 7.34 -6.47
CA LYS A 18 10.79 7.63 -5.08
C LYS A 18 11.88 6.61 -4.74
N ALA A 19 13.13 7.04 -4.58
CA ALA A 19 14.28 6.16 -4.30
C ALA A 19 15.03 6.63 -3.10
N GLY A 20 15.61 5.69 -2.37
CA GLY A 20 16.39 6.04 -1.21
C GLY A 20 17.16 4.86 -0.66
N PHE A 21 17.51 4.98 0.63
CA PHE A 21 18.26 3.96 1.34
C PHE A 21 17.40 3.30 2.40
N ALA A 22 17.55 1.99 2.57
CA ALA A 22 16.82 1.24 3.57
C ALA A 22 17.25 1.72 4.96
N GLY A 23 16.27 2.05 5.80
CA GLY A 23 16.57 2.61 7.12
C GLY A 23 16.12 4.06 7.25
N ASP A 24 16.05 4.80 6.13
CA ASP A 24 15.57 6.19 6.17
C ASP A 24 14.04 6.27 6.26
N ASP A 25 13.53 7.41 6.73
CA ASP A 25 12.10 7.64 6.89
C ASP A 25 11.39 8.12 5.62
N ALA A 26 12.15 8.65 4.66
CA ALA A 26 11.61 9.18 3.42
C ALA A 26 12.58 8.94 2.28
N PRO A 27 12.10 8.89 1.02
CA PRO A 27 13.04 8.71 -0.10
C PRO A 27 13.94 9.93 -0.22
N ARG A 28 15.23 9.71 -0.43
CA ARG A 28 16.19 10.78 -0.64
C ARG A 28 16.03 11.42 -2.05
N ALA A 29 15.45 10.69 -3.01
CA ALA A 29 15.31 11.15 -4.38
C ALA A 29 13.89 10.99 -4.87
N VAL A 30 13.29 12.10 -5.38
CA VAL A 30 11.95 12.11 -5.95
C VAL A 30 12.00 12.89 -7.25
N PHE A 31 11.92 12.19 -8.38
CA PHE A 31 12.02 12.86 -9.69
C PHE A 31 11.07 12.26 -10.72
N PRO A 32 10.76 12.99 -11.81
CA PRO A 32 9.81 12.47 -12.83
C PRO A 32 10.28 11.27 -13.69
N SER A 33 9.37 10.31 -13.93
CA SER A 33 9.64 9.12 -14.74
C SER A 33 9.49 9.47 -16.23
N ILE A 34 10.39 10.33 -16.70
CA ILE A 34 10.40 10.82 -18.07
C ILE A 34 11.77 10.63 -18.70
N VAL A 35 11.79 10.13 -19.93
CA VAL A 35 13.02 9.97 -20.66
C VAL A 35 12.91 10.76 -21.95
N GLY A 36 13.94 11.54 -22.23
CA GLY A 36 14.00 12.38 -23.42
C GLY A 36 15.15 11.95 -24.30
N ARG A 37 14.84 11.55 -25.53
CA ARG A 37 15.87 11.14 -26.50
C ARG A 37 15.87 12.17 -27.64
N PRO A 38 17.06 12.48 -28.19
CA PRO A 38 17.12 13.49 -29.26
C PRO A 38 16.15 13.27 -30.43
N ARG A 39 15.58 14.38 -30.96
CA ARG A 39 14.63 14.31 -32.07
C ARG A 39 15.32 13.92 -33.38
N ASP A 51 22.85 11.31 -25.38
CA ASP A 51 22.14 10.14 -25.89
C ASP A 51 20.72 10.01 -25.33
N SER A 52 20.53 10.44 -24.07
CA SER A 52 19.26 10.37 -23.35
C SER A 52 19.31 11.29 -22.13
N TYR A 53 18.14 11.73 -21.68
CA TYR A 53 17.98 12.59 -20.52
C TYR A 53 16.84 12.06 -19.64
N VAL A 54 16.98 12.15 -18.33
CA VAL A 54 15.96 11.63 -17.41
C VAL A 54 15.53 12.71 -16.43
N GLY A 55 14.26 12.70 -16.04
CA GLY A 55 13.76 13.60 -15.04
C GLY A 55 13.66 15.06 -15.43
N ASP A 56 13.94 15.93 -14.47
CA ASP A 56 13.87 17.38 -14.58
C ASP A 56 14.63 17.93 -15.78
N GLU A 57 15.84 17.41 -16.03
CA GLU A 57 16.65 17.88 -17.16
C GLU A 57 16.02 17.50 -18.50
N ALA A 58 15.39 16.30 -18.59
CA ALA A 58 14.73 15.90 -19.82
C ALA A 58 13.59 16.85 -20.13
N GLN A 59 12.79 17.19 -19.10
CA GLN A 59 11.68 18.13 -19.23
C GLN A 59 12.21 19.52 -19.65
N SER A 60 13.32 19.97 -19.04
CA SER A 60 13.94 21.23 -19.40
C SER A 60 14.39 21.29 -20.88
N LYS A 61 15.10 20.25 -21.35
CA LYS A 61 15.60 20.20 -22.72
C LYS A 61 14.54 19.69 -23.71
N ARG A 62 13.23 19.83 -23.40
CA ARG A 62 12.18 19.31 -24.26
C ARG A 62 12.10 19.91 -25.65
N GLY A 63 12.75 21.04 -25.88
CA GLY A 63 12.75 21.69 -27.18
C GLY A 63 13.57 20.96 -28.23
N ILE A 64 14.49 20.09 -27.78
CA ILE A 64 15.33 19.25 -28.65
C ILE A 64 15.14 17.75 -28.36
N LEU A 65 14.08 17.36 -27.64
CA LEU A 65 13.88 15.96 -27.28
C LEU A 65 12.46 15.49 -27.54
N THR A 66 12.31 14.17 -27.71
CA THR A 66 11.02 13.53 -27.76
C THR A 66 10.85 12.95 -26.34
N LEU A 67 9.93 13.48 -25.54
CA LEU A 67 9.71 13.01 -24.18
C LEU A 67 8.83 11.74 -24.12
N LYS A 68 9.13 10.84 -23.18
CA LYS A 68 8.41 9.59 -23.05
C LYS A 68 8.23 9.21 -21.60
N TYR A 69 7.10 8.54 -21.30
CA TYR A 69 6.80 8.00 -19.98
C TYR A 69 7.03 6.48 -20.09
N PRO A 70 8.19 5.96 -19.63
CA PRO A 70 8.45 4.49 -19.74
C PRO A 70 7.55 3.59 -18.90
N ILE A 71 6.87 4.18 -17.92
CA ILE A 71 5.97 3.48 -17.02
C ILE A 71 4.56 3.92 -17.39
N GLU A 72 3.89 3.15 -18.22
CA GLU A 72 2.54 3.44 -18.65
C GLU A 72 1.64 2.82 -17.60
N GLY A 74 1.58 2.47 -14.38
CA GLY A 74 2.21 1.63 -13.37
C GLY A 74 3.06 0.51 -13.92
N ILE A 75 2.79 0.09 -15.15
CA ILE A 75 3.54 -0.99 -15.80
C ILE A 75 4.71 -0.40 -16.56
N ILE A 76 5.90 -1.02 -16.46
CA ILE A 76 7.06 -0.61 -17.22
C ILE A 76 6.83 -1.19 -18.59
N THR A 77 6.67 -0.36 -19.62
CA THR A 77 6.47 -0.83 -21.00
C THR A 77 7.68 -0.63 -21.87
N ASN A 78 8.59 0.30 -21.53
CA ASN A 78 9.78 0.55 -22.33
C ASN A 78 11.01 0.32 -21.49
N TRP A 79 11.69 -0.80 -21.72
CA TRP A 79 12.85 -1.20 -20.95
C TRP A 79 14.14 -0.47 -21.30
N ASP A 80 14.37 -0.08 -22.57
CA ASP A 80 15.56 0.71 -22.89
C ASP A 80 15.51 2.05 -22.15
N ASP A 81 14.31 2.64 -22.07
CA ASP A 81 14.07 3.89 -21.36
C ASP A 81 14.14 3.68 -19.88
N MET A 82 13.51 2.60 -19.34
CA MET A 82 13.52 2.30 -17.92
C MET A 82 14.93 2.12 -17.38
N GLU A 83 15.81 1.52 -18.19
CA GLU A 83 17.23 1.42 -17.82
C GLU A 83 17.84 2.81 -17.63
N LYS A 84 17.42 3.80 -18.41
CA LYS A 84 17.92 5.16 -18.27
C LYS A 84 17.49 5.76 -16.95
N ILE A 85 16.25 5.50 -16.50
CA ILE A 85 15.71 5.97 -15.22
C ILE A 85 16.50 5.33 -14.09
N TRP A 86 16.73 4.00 -14.17
CA TRP A 86 17.45 3.31 -13.12
C TRP A 86 18.91 3.76 -13.05
N HIS A 87 19.53 4.02 -14.21
CA HIS A 87 20.90 4.48 -14.30
C HIS A 87 21.02 5.84 -13.61
N HIS A 88 20.07 6.74 -13.91
CA HIS A 88 19.98 8.07 -13.32
C HIS A 88 19.75 8.00 -11.81
N THR A 89 18.91 7.04 -11.38
CA THR A 89 18.59 6.76 -9.97
C THR A 89 19.84 6.35 -9.22
N PHE A 90 20.60 5.39 -9.73
CA PHE A 90 21.81 4.91 -9.05
C PHE A 90 22.95 5.94 -9.04
N TYR A 91 23.32 6.48 -10.20
CA TYR A 91 24.48 7.39 -10.30
C TYR A 91 24.22 8.87 -10.07
N ASN A 92 23.07 9.41 -10.50
CA ASN A 92 22.86 10.85 -10.37
C ASN A 92 22.03 11.26 -9.17
N GLU A 93 21.12 10.39 -8.75
CA GLU A 93 20.28 10.69 -7.63
C GLU A 93 20.88 10.16 -6.34
N LEU A 94 21.13 8.84 -6.31
CA LEU A 94 21.67 8.23 -5.10
C LEU A 94 23.19 8.32 -5.04
N ARG A 95 23.88 8.49 -6.20
CA ARG A 95 25.34 8.61 -6.26
C ARG A 95 26.06 7.42 -5.66
N VAL A 96 25.62 6.21 -6.06
CA VAL A 96 26.14 4.93 -5.60
C VAL A 96 26.50 4.03 -6.81
N ALA A 97 27.28 2.97 -6.55
CA ALA A 97 27.60 1.95 -7.55
C ALA A 97 26.62 0.80 -7.25
N PRO A 98 25.68 0.50 -8.18
CA PRO A 98 24.66 -0.51 -7.87
C PRO A 98 25.17 -1.94 -7.72
N GLU A 99 26.42 -2.21 -8.14
CA GLU A 99 27.00 -3.53 -7.99
C GLU A 99 27.36 -3.88 -6.53
N GLU A 100 27.24 -2.91 -5.60
CA GLU A 100 27.48 -3.21 -4.20
C GLU A 100 26.28 -2.97 -3.29
N HIS A 101 25.08 -2.74 -3.83
CA HIS A 101 23.90 -2.51 -2.98
C HIS A 101 22.73 -3.41 -3.34
N PRO A 102 22.18 -4.18 -2.38
CA PRO A 102 20.96 -4.95 -2.68
C PRO A 102 19.82 -3.97 -3.02
N THR A 103 19.00 -4.28 -4.02
CA THR A 103 17.96 -3.34 -4.45
C THR A 103 16.56 -3.90 -4.35
N LEU A 104 15.73 -3.26 -3.54
CA LEU A 104 14.32 -3.62 -3.42
C LEU A 104 13.58 -2.75 -4.42
N LEU A 105 12.79 -3.37 -5.29
CA LEU A 105 12.01 -2.70 -6.32
C LEU A 105 10.52 -2.94 -6.09
N THR A 106 9.68 -2.00 -6.53
CA THR A 106 8.24 -2.18 -6.39
C THR A 106 7.60 -2.47 -7.75
N GLU A 107 6.45 -3.11 -7.72
CA GLU A 107 5.74 -3.42 -8.95
C GLU A 107 4.27 -3.09 -8.82
N ALA A 108 3.66 -2.85 -9.95
CA ALA A 108 2.27 -2.48 -10.00
C ALA A 108 1.39 -3.67 -9.78
N PRO A 109 0.13 -3.43 -9.41
CA PRO A 109 -0.86 -4.52 -9.42
C PRO A 109 -1.10 -4.94 -10.90
N LEU A 110 -1.39 -6.23 -11.13
CA LEU A 110 -1.58 -6.77 -12.48
C LEU A 110 -0.34 -6.68 -13.36
N ASN A 111 0.86 -6.62 -12.75
CA ASN A 111 2.09 -6.56 -13.52
C ASN A 111 2.38 -7.96 -14.09
N PRO A 112 2.49 -8.06 -15.42
CA PRO A 112 2.71 -9.38 -16.04
C PRO A 112 3.95 -10.12 -15.55
N LYS A 113 3.83 -11.44 -15.38
CA LYS A 113 4.93 -12.25 -14.85
C LYS A 113 6.21 -12.16 -15.69
N ALA A 114 6.07 -11.96 -17.01
CA ALA A 114 7.17 -11.79 -17.94
C ALA A 114 7.90 -10.45 -17.70
N ASN A 115 7.13 -9.40 -17.33
CA ASN A 115 7.62 -8.07 -16.96
C ASN A 115 8.45 -8.18 -15.70
N ARG A 116 7.96 -8.93 -14.68
CA ARG A 116 8.68 -9.14 -13.42
C ARG A 116 10.02 -9.84 -13.67
N GLU A 117 10.01 -10.83 -14.57
CA GLU A 117 11.20 -11.57 -14.97
C GLU A 117 12.20 -10.63 -15.63
N LYS A 118 11.72 -9.77 -16.57
CA LYS A 118 12.54 -8.79 -17.29
C LYS A 118 13.27 -7.82 -16.36
N MET A 119 12.58 -7.34 -15.33
CA MET A 119 13.10 -6.43 -14.32
C MET A 119 14.29 -7.07 -13.59
N THR A 120 14.15 -8.35 -13.24
CA THR A 120 15.17 -9.13 -12.53
C THR A 120 16.41 -9.28 -13.37
N GLN A 121 16.25 -9.62 -14.64
CA GLN A 121 17.32 -9.80 -15.59
C GLN A 121 18.08 -8.49 -15.84
N ILE A 122 17.38 -7.35 -15.90
CA ILE A 122 18.00 -6.04 -16.09
C ILE A 122 18.82 -5.65 -14.85
N MET A 123 18.32 -5.94 -13.65
CA MET A 123 19.04 -5.63 -12.43
C MET A 123 20.32 -6.45 -12.32
N PHE A 124 20.25 -7.76 -12.60
CA PHE A 124 21.40 -8.65 -12.50
C PHE A 124 22.41 -8.59 -13.66
N GLU A 125 21.95 -8.50 -14.91
CA GLU A 125 22.86 -8.47 -16.06
C GLU A 125 23.30 -7.05 -16.49
N THR A 126 22.41 -6.04 -16.43
CA THR A 126 22.80 -4.69 -16.84
C THR A 126 23.52 -3.96 -15.70
N PHE A 127 22.90 -3.98 -14.51
CA PHE A 127 23.43 -3.25 -13.37
C PHE A 127 24.34 -4.10 -12.46
N ASN A 128 24.28 -5.44 -12.59
CA ASN A 128 25.13 -6.31 -11.79
C ASN A 128 24.90 -6.15 -10.25
N VAL A 129 23.63 -6.01 -9.81
CA VAL A 129 23.35 -5.86 -8.38
C VAL A 129 23.68 -7.18 -7.63
N PRO A 130 24.15 -7.10 -6.38
CA PRO A 130 24.46 -8.33 -5.65
C PRO A 130 23.22 -9.14 -5.29
N ALA A 131 22.11 -8.43 -5.05
CA ALA A 131 20.84 -9.00 -4.65
C ALA A 131 19.70 -8.06 -4.98
N MET A 132 18.49 -8.62 -5.15
CA MET A 132 17.32 -7.78 -5.42
C MET A 132 16.05 -8.42 -4.88
N TYR A 133 15.00 -7.61 -4.71
CA TYR A 133 13.70 -8.07 -4.24
C TYR A 133 12.60 -7.29 -4.98
N VAL A 134 11.48 -7.95 -5.26
CA VAL A 134 10.35 -7.31 -5.90
C VAL A 134 9.08 -7.52 -5.03
N ALA A 135 8.45 -6.40 -4.68
CA ALA A 135 7.25 -6.41 -3.88
C ALA A 135 6.16 -5.60 -4.58
N ILE A 136 4.88 -6.00 -4.41
CA ILE A 136 3.79 -5.27 -5.01
C ILE A 136 3.53 -4.02 -4.19
N GLN A 137 3.40 -2.85 -4.85
CA GLN A 137 3.15 -1.57 -4.19
C GLN A 137 1.95 -1.65 -3.20
N ALA A 138 0.78 -2.12 -3.68
CA ALA A 138 -0.42 -2.21 -2.84
C ALA A 138 -0.19 -2.99 -1.54
N VAL A 139 0.45 -4.17 -1.61
CA VAL A 139 0.74 -5.04 -0.46
C VAL A 139 1.63 -4.35 0.57
N LEU A 140 2.66 -3.60 0.13
CA LEU A 140 3.53 -2.85 1.05
C LEU A 140 2.72 -1.81 1.79
N SER A 141 1.85 -1.06 1.08
CA SER A 141 1.00 -0.06 1.75
C SER A 141 0.06 -0.73 2.71
N LEU A 142 -0.52 -1.89 2.32
CA LEU A 142 -1.41 -2.63 3.18
C LEU A 142 -0.72 -3.08 4.47
N TYR A 143 0.46 -3.67 4.32
CA TYR A 143 1.26 -4.17 5.43
C TYR A 143 1.66 -3.05 6.36
N ALA A 144 2.18 -1.94 5.80
CA ALA A 144 2.57 -0.80 6.63
C ALA A 144 1.38 -0.17 7.34
N SER A 145 0.16 -0.36 6.83
CA SER A 145 -1.04 0.13 7.50
C SER A 145 -1.35 -0.69 8.78
N GLY A 146 -0.87 -1.94 8.89
CA GLY A 146 -1.05 -2.77 10.07
C GLY A 146 -2.06 -3.89 9.90
N ARG A 147 -2.10 -4.47 8.72
CA ARG A 147 -3.00 -5.57 8.39
C ARG A 147 -2.45 -6.32 7.15
N THR A 148 -2.99 -7.51 6.87
CA THR A 148 -2.58 -8.34 5.73
C THR A 148 -3.75 -8.68 4.79
N THR A 149 -4.99 -8.43 5.22
CA THR A 149 -6.20 -8.64 4.40
C THR A 149 -6.94 -7.31 4.39
N GLY A 150 -7.33 -6.90 3.20
CA GLY A 150 -8.03 -5.65 2.98
C GLY A 150 -8.04 -5.29 1.51
N ILE A 151 -8.71 -4.18 1.16
CA ILE A 151 -8.70 -3.69 -0.21
C ILE A 151 -8.01 -2.34 -0.24
N VAL A 152 -7.03 -2.18 -1.13
CA VAL A 152 -6.28 -0.94 -1.24
C VAL A 152 -6.75 -0.04 -2.39
N LEU A 153 -6.98 1.26 -2.11
CA LEU A 153 -7.24 2.23 -3.17
C LEU A 153 -5.92 2.99 -3.38
N ASP A 154 -5.14 2.63 -4.42
CA ASP A 154 -3.89 3.35 -4.67
C ASP A 154 -4.14 4.26 -5.83
N SER A 155 -4.10 5.58 -5.59
CA SER A 155 -4.27 6.56 -6.64
C SER A 155 -2.98 7.41 -6.74
N GLY A 156 -2.22 7.27 -7.82
CA GLY A 156 -0.97 8.01 -7.99
C GLY A 156 -0.99 9.12 -9.03
N ASP A 157 -0.08 9.04 -10.01
CA ASP A 157 0.03 10.06 -11.04
C ASP A 157 -0.66 9.70 -12.34
N GLY A 158 -0.53 8.45 -12.79
CA GLY A 158 -1.13 8.04 -14.05
C GLY A 158 -2.23 6.98 -13.96
N VAL A 159 -2.29 6.27 -12.84
CA VAL A 159 -3.24 5.20 -12.67
C VAL A 159 -3.77 5.10 -11.23
N THR A 160 -5.00 4.64 -11.09
CA THR A 160 -5.61 4.38 -9.80
C THR A 160 -6.02 2.90 -9.82
N HIS A 161 -5.75 2.16 -8.76
CA HIS A 161 -6.16 0.74 -8.67
C HIS A 161 -6.93 0.48 -7.37
N ASN A 162 -7.86 -0.47 -7.43
CA ASN A 162 -8.61 -1.07 -6.34
C ASN A 162 -8.01 -2.49 -6.28
N VAL A 163 -7.30 -2.80 -5.20
CA VAL A 163 -6.62 -4.07 -5.06
C VAL A 163 -7.07 -4.85 -3.85
N PRO A 164 -7.89 -5.90 -4.01
CA PRO A 164 -8.23 -6.73 -2.85
C PRO A 164 -7.06 -7.67 -2.60
N ILE A 165 -6.64 -7.75 -1.36
CA ILE A 165 -5.51 -8.55 -0.93
C ILE A 165 -5.98 -9.46 0.20
N TYR A 166 -5.67 -10.74 0.12
CA TYR A 166 -6.08 -11.70 1.13
C TYR A 166 -4.83 -12.34 1.64
N GLU A 167 -4.49 -12.06 2.90
CA GLU A 167 -3.33 -12.62 3.58
C GLU A 167 -2.01 -12.32 2.88
N GLY A 168 -1.90 -11.14 2.27
CA GLY A 168 -0.68 -10.71 1.59
C GLY A 168 -0.65 -11.00 0.11
N TYR A 169 -1.66 -11.69 -0.41
CA TYR A 169 -1.72 -12.02 -1.83
C TYR A 169 -2.79 -11.20 -2.49
N ALA A 170 -2.46 -10.47 -3.57
CA ALA A 170 -3.48 -9.72 -4.30
C ALA A 170 -4.34 -10.68 -5.14
N LEU A 171 -5.63 -10.37 -5.30
CA LEU A 171 -6.54 -11.20 -6.10
C LEU A 171 -6.58 -10.58 -7.51
N PRO A 172 -5.82 -11.11 -8.47
CA PRO A 172 -5.77 -10.47 -9.80
C PRO A 172 -7.11 -10.29 -10.50
N HIS A 173 -7.97 -11.32 -10.48
CA HIS A 173 -9.28 -11.26 -11.14
C HIS A 173 -10.13 -10.10 -10.65
N ALA A 174 -9.98 -9.73 -9.37
CA ALA A 174 -10.77 -8.67 -8.78
C ALA A 174 -10.17 -7.28 -8.88
N ILE A 175 -8.85 -7.16 -9.11
CA ILE A 175 -8.18 -5.86 -9.25
C ILE A 175 -8.83 -5.03 -10.35
N MET A 176 -9.17 -3.75 -10.03
CA MET A 176 -9.78 -2.80 -10.95
C MET A 176 -8.74 -1.73 -11.24
N ARG A 177 -8.72 -1.27 -12.48
CA ARG A 177 -7.78 -0.26 -12.93
C ARG A 177 -8.54 0.88 -13.53
N LEU A 178 -8.32 2.06 -13.01
CA LEU A 178 -8.92 3.29 -13.49
C LEU A 178 -7.76 4.14 -14.05
N ASP A 179 -7.73 4.39 -15.37
CA ASP A 179 -6.64 5.19 -15.96
C ASP A 179 -6.97 6.66 -15.83
N LEU A 180 -6.86 7.17 -14.61
CA LEU A 180 -7.18 8.53 -14.20
C LEU A 180 -6.48 8.69 -12.85
N ALA A 181 -5.65 9.72 -12.68
CA ALA A 181 -4.95 9.94 -11.42
C ALA A 181 -4.52 11.45 -11.30
N GLY A 182 -3.47 11.83 -10.53
CA GLY A 182 -3.10 13.21 -10.32
C GLY A 182 -2.79 13.97 -11.58
N ARG A 183 -2.22 13.28 -12.57
CA ARG A 183 -1.86 13.85 -13.85
C ARG A 183 -3.06 14.45 -14.53
N ASP A 184 -4.18 13.73 -14.49
CA ASP A 184 -5.42 14.16 -15.12
C ASP A 184 -6.10 15.27 -14.36
N LEU A 185 -6.06 15.20 -13.02
CA LEU A 185 -6.64 16.20 -12.16
C LEU A 185 -5.92 17.53 -12.27
N THR A 186 -4.59 17.50 -12.48
CA THR A 186 -3.81 18.72 -12.66
C THR A 186 -4.25 19.34 -13.99
N ASP A 187 -4.32 18.53 -15.06
CA ASP A 187 -4.74 18.98 -16.38
C ASP A 187 -6.15 19.61 -16.31
N TYR A 188 -7.07 18.98 -15.55
CA TYR A 188 -8.45 19.42 -15.39
C TYR A 188 -8.52 20.75 -14.66
N LEU A 189 -7.73 20.91 -13.60
CA LEU A 189 -7.66 22.17 -12.87
C LEU A 189 -7.04 23.26 -13.77
N MET A 190 -6.06 22.90 -14.58
CA MET A 190 -5.42 23.82 -15.51
C MET A 190 -6.45 24.34 -16.52
N LYS A 191 -7.26 23.46 -17.09
CA LYS A 191 -8.33 23.86 -17.99
C LYS A 191 -9.44 24.65 -17.28
N ILE A 192 -9.86 24.27 -16.06
CA ILE A 192 -10.93 25.01 -15.39
C ILE A 192 -10.45 26.37 -14.83
N LEU A 193 -9.14 26.54 -14.62
CA LEU A 193 -8.62 27.83 -14.19
C LEU A 193 -8.43 28.70 -15.44
N THR A 194 -7.83 28.14 -16.52
CA THR A 194 -7.56 28.79 -17.81
C THR A 194 -8.82 29.38 -18.43
N GLU A 195 -9.96 28.74 -18.22
CA GLU A 195 -11.20 29.21 -18.82
C GLU A 195 -11.92 30.27 -17.96
N ARG A 196 -11.52 30.51 -16.71
CA ARG A 196 -12.16 31.56 -15.90
C ARG A 196 -11.27 32.82 -15.74
N GLY A 197 -10.34 33.01 -16.67
CA GLY A 197 -9.43 34.14 -16.64
C GLY A 197 -7.99 33.68 -16.59
N TYR A 198 -7.53 33.32 -15.36
CA TYR A 198 -6.15 32.87 -15.05
C TYR A 198 -5.63 31.88 -16.08
N SER A 199 -4.75 32.31 -17.01
CA SER A 199 -4.25 31.42 -18.05
C SER A 199 -2.85 30.80 -17.79
N PHE A 200 -2.82 29.48 -17.62
CA PHE A 200 -1.61 28.68 -17.41
C PHE A 200 -1.45 27.81 -18.66
N VAL A 201 -0.26 27.85 -19.32
CA VAL A 201 -0.04 27.11 -20.58
C VAL A 201 1.20 26.19 -20.56
N THR A 202 2.38 26.75 -20.26
CA THR A 202 3.67 26.04 -20.28
C THR A 202 3.78 24.90 -19.24
N THR A 203 4.82 24.05 -19.36
CA THR A 203 5.07 22.96 -18.43
C THR A 203 5.28 23.53 -17.01
N ALA A 204 5.95 24.70 -16.88
CA ALA A 204 6.18 25.35 -15.59
C ALA A 204 4.89 25.92 -15.00
N GLU A 205 4.00 26.47 -15.86
CA GLU A 205 2.70 26.96 -15.36
C GLU A 205 1.82 25.82 -14.88
N ARG A 206 1.93 24.61 -15.50
CA ARG A 206 1.22 23.41 -15.05
C ARG A 206 1.72 22.98 -13.66
N GLU A 207 3.00 23.22 -13.36
CA GLU A 207 3.61 22.92 -12.07
C GLU A 207 3.07 23.86 -10.99
N ILE A 208 2.71 25.10 -11.35
CA ILE A 208 2.09 26.04 -10.43
C ILE A 208 0.68 25.50 -10.11
N VAL A 209 -0.06 25.06 -11.15
CA VAL A 209 -1.39 24.48 -11.03
C VAL A 209 -1.35 23.24 -10.13
N ARG A 210 -0.37 22.35 -10.36
CA ARG A 210 -0.18 21.14 -9.53
C ARG A 210 -0.02 21.52 -8.06
N ASP A 211 0.68 22.63 -7.79
CA ASP A 211 0.87 23.12 -6.44
C ASP A 211 -0.40 23.68 -5.84
N ILE A 212 -1.19 24.42 -6.64
CA ILE A 212 -2.50 24.95 -6.21
C ILE A 212 -3.39 23.77 -5.82
N LYS A 213 -3.40 22.72 -6.65
CA LYS A 213 -4.18 21.50 -6.51
C LYS A 213 -3.81 20.76 -5.25
N GLU A 214 -2.51 20.63 -4.94
CA GLU A 214 -2.09 19.91 -3.74
C GLU A 214 -2.26 20.70 -2.46
N LYS A 215 -2.40 22.02 -2.54
CA LYS A 215 -2.50 22.86 -1.34
C LYS A 215 -3.91 23.31 -1.03
N LEU A 216 -4.73 23.50 -2.06
CA LEU A 216 -6.05 24.09 -1.92
C LEU A 216 -7.19 23.14 -2.27
N CYS A 217 -6.95 22.03 -2.98
CA CYS A 217 -8.06 21.15 -3.34
C CYS A 217 -8.53 20.25 -2.18
N TYR A 218 -9.83 19.89 -2.21
CA TYR A 218 -10.45 19.01 -1.24
C TYR A 218 -11.65 18.26 -1.82
N VAL A 219 -12.05 17.17 -1.17
CA VAL A 219 -13.19 16.41 -1.62
C VAL A 219 -14.39 16.80 -0.79
N ALA A 220 -15.48 17.19 -1.45
CA ALA A 220 -16.72 17.57 -0.80
C ALA A 220 -17.45 16.31 -0.34
N LEU A 221 -18.05 16.33 0.86
CA LEU A 221 -18.81 15.19 1.35
C LEU A 221 -20.05 14.97 0.48
N ASP A 222 -20.70 16.07 0.07
CA ASP A 222 -21.81 16.00 -0.86
C ASP A 222 -21.53 17.04 -1.92
N PHE A 223 -21.28 16.60 -3.16
CA PHE A 223 -20.92 17.50 -4.24
C PHE A 223 -21.95 18.56 -4.56
N GLU A 224 -23.22 18.18 -4.83
CA GLU A 224 -24.23 19.18 -5.19
C GLU A 224 -24.51 20.17 -4.04
N ASN A 225 -24.43 19.71 -2.78
CA ASN A 225 -24.58 20.58 -1.62
C ASN A 225 -23.41 21.57 -1.60
N GLU A 226 -22.18 21.10 -1.89
CA GLU A 226 -21.01 21.98 -1.89
C GLU A 226 -21.06 22.99 -3.04
N MET A 227 -21.57 22.58 -4.22
CA MET A 227 -21.73 23.49 -5.35
C MET A 227 -22.65 24.65 -4.95
N ALA A 228 -23.72 24.35 -4.19
CA ALA A 228 -24.71 25.31 -3.70
C ALA A 228 -24.09 26.27 -2.69
N THR A 229 -23.31 25.75 -1.72
CA THR A 229 -22.61 26.56 -0.73
C THR A 229 -21.65 27.56 -1.41
N ALA A 230 -21.00 27.14 -2.50
CA ALA A 230 -20.07 27.98 -3.24
C ALA A 230 -20.78 29.03 -4.09
N ALA A 231 -21.99 28.72 -4.55
CA ALA A 231 -22.75 29.63 -5.39
C ALA A 231 -23.35 30.78 -4.60
N SER A 232 -23.72 30.53 -3.36
CA SER A 232 -24.41 31.53 -2.53
C SER A 232 -23.52 32.32 -1.58
N SER A 233 -22.26 31.95 -1.42
CA SER A 233 -21.37 32.65 -0.50
C SER A 233 -19.90 32.39 -0.84
N SER A 234 -18.98 33.10 -0.16
CA SER A 234 -17.57 32.90 -0.42
C SER A 234 -16.89 32.13 0.68
N SER A 235 -17.65 31.38 1.49
CA SER A 235 -17.12 30.62 2.63
C SER A 235 -16.09 29.57 2.24
N LEU A 236 -16.19 29.03 1.01
CA LEU A 236 -15.29 27.98 0.55
C LEU A 236 -14.13 28.48 -0.31
N GLU A 237 -13.93 29.79 -0.39
CA GLU A 237 -12.88 30.35 -1.20
C GLU A 237 -11.54 30.44 -0.50
N LYS A 238 -10.49 30.03 -1.20
CA LYS A 238 -9.12 30.12 -0.75
C LYS A 238 -8.28 30.87 -1.78
N SER A 239 -7.25 31.57 -1.31
CA SER A 239 -6.38 32.35 -2.16
C SER A 239 -5.01 31.73 -2.28
N TYR A 240 -4.32 32.07 -3.35
CA TYR A 240 -3.02 31.54 -3.64
C TYR A 240 -2.14 32.61 -4.29
N GLU A 241 -0.96 32.86 -3.69
CA GLU A 241 -0.03 33.80 -4.28
C GLU A 241 0.83 33.12 -5.35
N LEU A 242 0.70 33.58 -6.60
CA LEU A 242 1.47 33.09 -7.74
C LEU A 242 2.94 33.54 -7.63
N PRO A 243 3.89 32.86 -8.33
CA PRO A 243 5.31 33.28 -8.25
C PRO A 243 5.58 34.75 -8.58
N ASP A 244 4.84 35.33 -9.54
CA ASP A 244 5.04 36.75 -9.87
C ASP A 244 4.54 37.73 -8.79
N GLY A 245 3.82 37.21 -7.78
CA GLY A 245 3.29 38.01 -6.69
C GLY A 245 1.79 38.22 -6.73
N GLN A 246 1.15 37.94 -7.88
CA GLN A 246 -0.30 38.10 -8.00
C GLN A 246 -1.09 37.11 -7.14
N VAL A 247 -2.21 37.56 -6.58
CA VAL A 247 -3.04 36.68 -5.75
C VAL A 247 -4.28 36.22 -6.51
N ILE A 248 -4.46 34.90 -6.64
CA ILE A 248 -5.66 34.35 -7.26
C ILE A 248 -6.59 33.75 -6.20
N THR A 249 -7.89 33.68 -6.48
CA THR A 249 -8.84 33.16 -5.52
C THR A 249 -9.65 32.09 -6.20
N ILE A 250 -9.68 30.89 -5.63
CA ILE A 250 -10.47 29.80 -6.21
C ILE A 250 -11.59 29.39 -5.30
N GLY A 251 -12.71 29.04 -5.90
CA GLY A 251 -13.89 28.65 -5.18
C GLY A 251 -14.27 27.19 -5.41
N ASN A 252 -15.26 26.93 -6.28
CA ASN A 252 -15.71 25.55 -6.50
C ASN A 252 -14.68 24.69 -7.22
N GLU A 253 -13.66 25.29 -7.87
CA GLU A 253 -12.59 24.53 -8.51
C GLU A 253 -11.85 23.65 -7.48
N ARG A 254 -11.80 24.10 -6.19
CA ARG A 254 -11.19 23.38 -5.08
C ARG A 254 -11.69 21.95 -4.99
N PHE A 255 -13.01 21.72 -5.13
CA PHE A 255 -13.57 20.38 -5.01
C PHE A 255 -14.05 19.79 -6.35
N ARG A 256 -14.31 20.63 -7.35
CA ARG A 256 -14.69 20.12 -8.68
C ARG A 256 -13.55 19.31 -9.28
N CYS A 257 -12.30 19.73 -9.05
CA CYS A 257 -11.14 19.04 -9.54
C CYS A 257 -11.04 17.59 -8.95
N PRO A 258 -10.87 17.35 -7.62
CA PRO A 258 -10.80 15.96 -7.14
C PRO A 258 -12.12 15.19 -7.21
N GLU A 259 -13.24 15.89 -7.39
CA GLU A 259 -14.54 15.24 -7.61
C GLU A 259 -14.48 14.32 -8.86
N THR A 260 -13.57 14.59 -9.82
CA THR A 260 -13.34 13.78 -11.01
C THR A 260 -13.08 12.31 -10.61
N LEU A 261 -12.50 12.04 -9.40
CA LEU A 261 -12.24 10.67 -8.94
C LEU A 261 -13.55 9.91 -8.76
N PHE A 262 -14.61 10.61 -8.33
CA PHE A 262 -15.92 10.01 -8.09
C PHE A 262 -16.82 10.12 -9.31
N GLN A 263 -16.61 11.12 -10.13
CA GLN A 263 -17.36 11.33 -11.35
C GLN A 263 -16.42 11.48 -12.54
N PRO A 264 -15.77 10.37 -12.98
CA PRO A 264 -14.82 10.49 -14.11
C PRO A 264 -15.44 10.94 -15.43
N SER A 265 -16.78 11.04 -15.52
CA SER A 265 -17.48 11.56 -16.67
C SER A 265 -17.17 13.07 -16.88
N PHE A 266 -16.69 13.78 -15.83
CA PHE A 266 -16.28 15.17 -15.85
C PHE A 266 -15.16 15.38 -16.90
N ILE A 267 -14.34 14.35 -17.16
CA ILE A 267 -13.25 14.45 -18.14
C ILE A 267 -13.41 13.42 -19.29
N GLY A 268 -14.66 12.98 -19.53
CA GLY A 268 -15.02 12.08 -20.60
C GLY A 268 -14.53 10.66 -20.45
N MET A 269 -14.81 10.05 -19.29
CA MET A 269 -14.37 8.68 -19.07
C MET A 269 -15.49 7.70 -18.86
N GLU A 270 -15.29 6.55 -19.44
CA GLU A 270 -16.22 5.44 -19.39
C GLU A 270 -16.27 4.81 -18.02
N SER A 271 -15.15 4.84 -17.26
CA SER A 271 -14.98 4.23 -15.94
C SER A 271 -15.79 4.94 -14.89
N ALA A 272 -16.54 4.16 -14.11
CA ALA A 272 -17.29 4.68 -12.99
C ALA A 272 -16.29 5.22 -11.89
N GLY A 273 -16.78 5.97 -10.89
CA GLY A 273 -15.94 6.51 -9.83
C GLY A 273 -15.22 5.50 -8.97
N ILE A 274 -14.24 5.96 -8.20
CA ILE A 274 -13.44 5.10 -7.35
C ILE A 274 -14.24 4.38 -6.25
N HIS A 275 -15.44 4.88 -5.93
CA HIS A 275 -16.28 4.23 -4.94
C HIS A 275 -17.00 3.03 -5.55
N GLU A 276 -17.41 3.15 -6.82
CA GLU A 276 -18.10 2.10 -7.57
C GLU A 276 -17.10 1.01 -8.00
N THR A 277 -15.90 1.38 -8.45
CA THR A 277 -14.90 0.39 -8.81
C THR A 277 -14.45 -0.39 -7.55
N THR A 278 -14.47 0.24 -6.37
CA THR A 278 -14.19 -0.44 -5.11
C THR A 278 -15.28 -1.52 -4.88
N TYR A 279 -16.56 -1.12 -4.94
CA TYR A 279 -17.70 -2.02 -4.77
C TYR A 279 -17.62 -3.20 -5.77
N ASN A 280 -17.29 -2.89 -7.03
CA ASN A 280 -17.20 -3.88 -8.09
C ASN A 280 -16.07 -4.88 -7.81
N SER A 281 -14.93 -4.38 -7.33
CA SER A 281 -13.77 -5.18 -7.01
C SER A 281 -14.11 -6.17 -5.89
N ILE A 282 -14.83 -5.69 -4.84
CA ILE A 282 -15.26 -6.50 -3.71
C ILE A 282 -16.27 -7.54 -4.15
N MET A 283 -17.20 -7.17 -5.00
CA MET A 283 -18.22 -8.08 -5.53
C MET A 283 -17.64 -9.20 -6.42
N LYS A 284 -16.42 -9.03 -6.91
CA LYS A 284 -15.75 -10.05 -7.70
C LYS A 284 -15.06 -11.11 -6.82
N CYS A 285 -14.98 -10.88 -5.48
CA CYS A 285 -14.38 -11.83 -4.56
C CYS A 285 -15.45 -12.62 -3.85
N ASP A 286 -15.06 -13.79 -3.32
CA ASP A 286 -15.81 -14.75 -2.52
C ASP A 286 -16.58 -14.01 -1.47
N ILE A 287 -17.90 -14.28 -1.32
CA ILE A 287 -18.74 -13.57 -0.34
C ILE A 287 -18.17 -13.61 1.05
N ASP A 288 -17.44 -14.70 1.39
CA ASP A 288 -16.86 -14.91 2.72
C ASP A 288 -15.80 -13.91 3.10
N ILE A 289 -15.15 -13.26 2.13
CA ILE A 289 -14.10 -12.30 2.45
C ILE A 289 -14.54 -10.86 2.26
N ARG A 290 -15.69 -10.60 1.63
CA ARG A 290 -16.20 -9.25 1.38
C ARG A 290 -16.24 -8.40 2.63
N LYS A 291 -16.63 -8.97 3.77
CA LYS A 291 -16.68 -8.25 5.03
C LYS A 291 -15.30 -7.77 5.45
N ASP A 292 -14.27 -8.58 5.25
CA ASP A 292 -12.89 -8.19 5.60
C ASP A 292 -12.37 -7.08 4.70
N LEU A 293 -12.83 -7.04 3.42
CA LEU A 293 -12.46 -6.00 2.48
C LEU A 293 -13.15 -4.69 2.83
N TYR A 294 -14.47 -4.72 3.04
CA TYR A 294 -15.26 -3.54 3.45
C TYR A 294 -14.69 -2.86 4.71
N ALA A 295 -14.26 -3.64 5.70
CA ALA A 295 -13.75 -3.07 6.95
C ALA A 295 -12.28 -2.61 6.90
N ASN A 296 -11.61 -2.78 5.75
CA ASN A 296 -10.21 -2.41 5.61
C ASN A 296 -9.92 -1.75 4.24
N ASN A 297 -10.54 -0.60 3.93
CA ASN A 297 -10.25 0.11 2.68
C ASN A 297 -9.04 1.00 2.95
N VAL A 298 -7.84 0.57 2.56
CA VAL A 298 -6.63 1.34 2.85
C VAL A 298 -6.24 2.24 1.70
N MET A 299 -6.13 3.53 1.97
CA MET A 299 -5.73 4.48 0.92
C MET A 299 -4.23 4.60 0.84
N SER A 300 -3.73 4.79 -0.37
CA SER A 300 -2.29 5.03 -0.58
C SER A 300 -2.08 5.78 -1.86
N GLY A 301 -1.03 6.58 -1.92
CA GLY A 301 -0.73 7.37 -3.11
C GLY A 301 -0.96 8.84 -2.91
N GLY A 302 -0.30 9.64 -3.71
CA GLY A 302 -0.40 11.09 -3.63
C GLY A 302 -1.80 11.60 -3.89
N THR A 303 -2.49 11.02 -4.88
CA THR A 303 -3.84 11.45 -5.22
C THR A 303 -4.92 10.99 -4.18
N THR A 304 -4.50 10.37 -3.07
CA THR A 304 -5.42 10.06 -1.97
C THR A 304 -5.19 11.07 -0.81
N MET A 305 -4.30 12.09 -0.99
CA MET A 305 -3.97 13.08 0.02
C MET A 305 -5.02 14.18 0.22
N TYR A 306 -6.03 14.24 -0.64
CA TYR A 306 -7.08 15.23 -0.53
C TYR A 306 -7.79 15.19 0.78
N PRO A 307 -7.90 16.35 1.46
CA PRO A 307 -8.74 16.40 2.66
C PRO A 307 -10.18 16.06 2.28
N GLY A 308 -10.84 15.30 3.13
CA GLY A 308 -12.22 14.91 2.90
C GLY A 308 -12.41 13.65 2.10
N ILE A 309 -11.35 13.12 1.47
CA ILE A 309 -11.50 11.92 0.63
C ILE A 309 -11.90 10.65 1.45
N ALA A 310 -11.34 10.43 2.64
CA ALA A 310 -11.70 9.26 3.44
C ALA A 310 -13.15 9.35 3.90
N ASP A 311 -13.61 10.56 4.28
CA ASP A 311 -15.00 10.77 4.68
C ASP A 311 -15.94 10.45 3.49
N ARG A 312 -15.59 10.93 2.27
CA ARG A 312 -16.37 10.71 1.07
C ARG A 312 -16.42 9.24 0.64
N MET A 313 -15.26 8.56 0.61
CA MET A 313 -15.22 7.14 0.33
C MET A 313 -16.03 6.35 1.35
N GLN A 314 -15.96 6.75 2.62
CA GLN A 314 -16.73 6.13 3.68
C GLN A 314 -18.26 6.14 3.36
N LYS A 315 -18.82 7.34 3.06
CA LYS A 315 -20.24 7.41 2.80
C LYS A 315 -20.60 6.76 1.47
N GLU A 316 -19.73 6.85 0.43
CA GLU A 316 -20.05 6.22 -0.85
C GLU A 316 -20.04 4.69 -0.79
N ILE A 317 -19.05 4.07 -0.11
CA ILE A 317 -19.04 2.61 0.05
C ILE A 317 -20.27 2.18 0.84
N THR A 318 -20.58 2.90 1.95
CA THR A 318 -21.77 2.60 2.78
C THR A 318 -23.12 2.66 2.03
N ALA A 319 -23.20 3.47 0.98
CA ALA A 319 -24.43 3.59 0.21
C ALA A 319 -24.61 2.42 -0.79
N LEU A 320 -23.50 1.71 -1.13
CA LEU A 320 -23.56 0.59 -2.07
C LEU A 320 -23.55 -0.74 -1.36
N ALA A 321 -22.77 -0.85 -0.31
CA ALA A 321 -22.57 -2.08 0.45
C ALA A 321 -23.80 -2.61 1.16
N PRO A 322 -23.80 -3.92 1.50
CA PRO A 322 -24.88 -4.47 2.32
C PRO A 322 -24.87 -3.81 3.71
N SER A 323 -26.07 -3.54 4.27
CA SER A 323 -26.24 -2.85 5.55
C SER A 323 -25.67 -3.56 6.76
N THR A 324 -25.25 -4.83 6.62
CA THR A 324 -24.61 -5.53 7.74
C THR A 324 -23.10 -5.61 7.58
N MET A 325 -22.49 -4.67 6.85
CA MET A 325 -21.04 -4.64 6.70
C MET A 325 -20.53 -3.42 7.44
N LYS A 326 -19.48 -3.60 8.25
CA LYS A 326 -18.81 -2.49 8.92
C LYS A 326 -17.90 -1.91 7.85
N ILE A 327 -18.14 -0.66 7.41
CA ILE A 327 -17.28 -0.02 6.41
C ILE A 327 -16.21 0.84 7.10
N LYS A 328 -14.92 0.52 6.88
CA LYS A 328 -13.85 1.31 7.49
C LYS A 328 -12.84 1.79 6.47
N ILE A 329 -12.55 3.10 6.48
CA ILE A 329 -11.54 3.65 5.58
C ILE A 329 -10.30 3.96 6.37
N ILE A 330 -9.16 3.36 6.01
CA ILE A 330 -7.90 3.64 6.70
C ILE A 330 -7.06 4.54 5.83
N ALA A 331 -6.83 5.81 6.25
CA ALA A 331 -6.01 6.72 5.44
C ALA A 331 -4.79 7.20 6.24
N PRO A 332 -3.72 6.41 6.26
CA PRO A 332 -2.55 6.82 7.05
C PRO A 332 -1.98 8.19 6.65
N PRO A 333 -1.52 9.01 7.62
CA PRO A 333 -0.96 10.33 7.25
C PRO A 333 0.26 10.25 6.33
N GLU A 334 1.00 9.14 6.39
CA GLU A 334 2.17 8.92 5.54
C GLU A 334 1.87 8.25 4.20
N ARG A 335 0.56 8.12 3.78
CA ARG A 335 0.17 7.36 2.57
C ARG A 335 0.75 7.84 1.21
N LYS A 336 1.22 9.09 1.12
CA LYS A 336 1.87 9.56 -0.10
C LYS A 336 3.18 8.77 -0.33
N TYR A 337 3.84 8.30 0.76
CA TYR A 337 5.07 7.52 0.68
C TYR A 337 5.00 6.16 1.37
N SER A 338 3.82 5.66 1.69
CA SER A 338 3.67 4.38 2.38
C SER A 338 4.28 3.14 1.67
N VAL A 339 4.36 3.15 0.32
CA VAL A 339 5.01 2.08 -0.40
C VAL A 339 6.53 2.13 -0.13
N TRP A 340 7.16 3.30 -0.34
CA TRP A 340 8.59 3.44 -0.16
C TRP A 340 9.00 3.14 1.29
N ILE A 341 8.29 3.73 2.27
CA ILE A 341 8.52 3.53 3.71
C ILE A 341 8.40 2.03 4.07
N GLY A 342 7.39 1.34 3.54
CA GLY A 342 7.20 -0.09 3.78
C GLY A 342 8.41 -0.90 3.32
N GLY A 343 8.87 -0.63 2.10
CA GLY A 343 10.07 -1.28 1.58
C GLY A 343 11.33 -0.93 2.36
N SER A 344 11.42 0.31 2.85
CA SER A 344 12.56 0.79 3.64
C SER A 344 12.68 0.01 4.93
N ILE A 345 11.54 -0.27 5.58
CA ILE A 345 11.53 -1.02 6.83
C ILE A 345 11.96 -2.44 6.55
N LEU A 346 11.40 -3.07 5.48
CA LEU A 346 11.73 -4.44 5.09
C LEU A 346 13.20 -4.62 4.85
N ALA A 347 13.77 -3.89 3.90
CA ALA A 347 15.17 -3.98 3.54
C ALA A 347 16.18 -3.59 4.66
N SER A 348 15.74 -2.85 5.68
CA SER A 348 16.62 -2.45 6.77
C SER A 348 16.82 -3.54 7.84
N LEU A 349 16.04 -4.61 7.79
CA LEU A 349 16.11 -5.70 8.74
C LEU A 349 17.29 -6.62 8.48
N SER A 350 17.95 -7.10 9.55
CA SER A 350 19.03 -8.08 9.46
C SER A 350 18.46 -9.44 9.05
N THR A 351 17.24 -9.78 9.51
CA THR A 351 16.61 -11.03 9.11
C THR A 351 16.12 -10.99 7.64
N PHE A 352 16.05 -9.79 7.01
CA PHE A 352 15.67 -9.68 5.61
C PHE A 352 16.82 -10.18 4.68
N GLN A 353 18.06 -10.27 5.18
CA GLN A 353 19.22 -10.74 4.43
C GLN A 353 18.99 -12.08 3.73
N GLN A 354 18.18 -12.95 4.32
CA GLN A 354 17.90 -14.26 3.73
C GLN A 354 16.60 -14.31 2.88
N MET A 355 16.06 -13.14 2.51
CA MET A 355 14.86 -13.01 1.67
C MET A 355 15.22 -12.55 0.22
N TRP A 356 16.33 -11.81 0.09
CA TRP A 356 16.86 -11.29 -1.15
C TRP A 356 17.12 -12.39 -2.15
N ILE A 357 16.97 -12.08 -3.44
CA ILE A 357 17.35 -12.99 -4.51
C ILE A 357 18.80 -12.61 -4.78
N THR A 358 19.77 -13.52 -4.55
CA THR A 358 21.18 -13.17 -4.85
C THR A 358 21.51 -13.39 -6.33
N LYS A 359 22.65 -12.79 -6.78
CA LYS A 359 23.14 -12.92 -8.16
C LYS A 359 23.41 -14.39 -8.48
N GLN A 360 23.99 -15.10 -7.51
CA GLN A 360 24.29 -16.53 -7.58
C GLN A 360 23.03 -17.38 -7.75
N GLU A 361 21.97 -17.11 -6.97
CA GLU A 361 20.70 -17.84 -7.14
C GLU A 361 20.08 -17.57 -8.53
N TYR A 362 20.33 -16.39 -9.11
CA TYR A 362 19.81 -16.04 -10.41
C TYR A 362 20.59 -16.76 -11.49
N ASP A 363 21.93 -16.77 -11.38
CA ASP A 363 22.79 -17.41 -12.37
C ASP A 363 22.45 -18.91 -12.49
N GLU A 364 22.04 -19.56 -11.37
CA GLU A 364 21.68 -20.97 -11.41
C GLU A 364 20.27 -21.22 -11.92
N ALA A 365 19.27 -20.48 -11.44
CA ALA A 365 17.87 -20.72 -11.77
C ALA A 365 17.28 -19.90 -12.92
N GLY A 366 17.72 -18.66 -13.08
CA GLY A 366 17.17 -17.76 -14.08
C GLY A 366 16.17 -16.80 -13.50
N PRO A 367 15.57 -15.93 -14.33
CA PRO A 367 14.65 -14.91 -13.80
C PRO A 367 13.33 -15.42 -13.24
N SER A 368 12.93 -16.69 -13.50
CA SER A 368 11.68 -17.19 -12.91
C SER A 368 11.80 -17.50 -11.43
N ILE A 369 12.96 -17.20 -10.80
CA ILE A 369 13.19 -17.34 -9.36
C ILE A 369 12.37 -16.31 -8.59
N VAL A 370 12.12 -15.13 -9.19
CA VAL A 370 11.38 -14.01 -8.64
C VAL A 370 9.92 -14.37 -8.29
N HIS A 371 9.32 -15.38 -8.94
CA HIS A 371 7.96 -15.79 -8.61
C HIS A 371 7.92 -16.61 -7.29
N ARG A 372 9.01 -17.35 -7.00
CA ARG A 372 9.09 -18.17 -5.81
C ARG A 372 9.70 -17.41 -4.61
N LYS A 373 10.89 -16.82 -4.77
CA LYS A 373 11.61 -16.12 -3.70
C LYS A 373 11.00 -14.80 -3.24
N CYS A 374 10.19 -14.15 -4.09
CA CYS A 374 9.58 -12.87 -3.72
C CYS A 374 8.10 -13.02 -3.33
N PHE A 375 7.44 -14.08 -3.78
CA PHE A 375 6.01 -14.21 -3.57
C PHE A 375 5.58 -15.47 -2.81
N GLN B 1 6.68 -8.57 1.53
CA GLN B 1 6.25 -9.93 1.81
C GLN B 1 6.97 -10.58 3.05
N GLY B 2 6.60 -11.83 3.38
CA GLY B 2 7.03 -12.65 4.50
C GLY B 2 8.45 -12.58 5.03
N VAL B 3 8.60 -12.11 6.29
CA VAL B 3 9.89 -12.02 6.97
C VAL B 3 9.85 -12.98 8.15
N ALA B 4 10.84 -13.86 8.25
CA ALA B 4 10.87 -14.83 9.32
C ALA B 4 11.74 -14.38 10.49
N PHE B 5 11.09 -14.06 11.62
CA PHE B 5 11.83 -13.68 12.83
C PHE B 5 11.99 -14.95 13.69
N PRO B 6 13.12 -15.10 14.40
CA PRO B 6 13.26 -16.26 15.30
C PRO B 6 12.21 -16.25 16.42
N ILE B 7 11.78 -17.41 16.89
CA ILE B 7 10.81 -17.50 17.97
C ILE B 7 11.55 -17.89 19.26
N SER B 8 11.21 -17.27 20.42
CA SER B 8 11.86 -17.63 21.67
C SER B 8 11.51 -19.07 22.05
N ARG B 9 12.42 -19.76 22.76
CA ARG B 9 12.17 -21.14 23.20
C ARG B 9 10.86 -21.21 24.04
N ASP B 10 10.63 -20.19 24.86
CA ASP B 10 9.45 -20.03 25.69
C ASP B 10 8.20 -19.98 24.83
N ALA B 11 8.19 -19.05 23.82
CA ALA B 11 7.06 -18.85 22.95
C ALA B 11 6.75 -20.13 22.20
N PHE B 12 7.80 -20.83 21.73
CA PHE B 12 7.65 -22.10 21.03
C PHE B 12 7.07 -23.21 21.93
N GLN B 13 7.50 -23.25 23.18
CA GLN B 13 7.03 -24.23 24.14
C GLN B 13 5.58 -23.99 24.52
N ALA B 14 5.12 -22.71 24.55
CA ALA B 14 3.73 -22.38 24.86
C ALA B 14 2.82 -22.75 23.68
N LEU B 15 3.31 -22.50 22.44
CA LEU B 15 2.59 -22.89 21.22
C LEU B 15 2.53 -24.40 21.12
N GLU B 16 3.58 -25.11 21.57
CA GLU B 16 3.59 -26.57 21.55
C GLU B 16 2.50 -27.08 22.52
N LYS B 17 2.36 -26.44 23.70
CA LYS B 17 1.32 -26.80 24.66
C LYS B 17 -0.07 -26.45 24.14
N LEU B 18 -0.23 -25.32 23.45
CA LEU B 18 -1.51 -24.93 22.88
C LEU B 18 -1.90 -25.91 21.79
N SER B 19 -0.93 -26.41 20.97
CA SER B 19 -1.22 -27.41 19.93
C SER B 19 -1.65 -28.76 20.54
N LYS B 20 -1.14 -29.08 21.71
CA LYS B 20 -1.54 -30.27 22.44
C LYS B 20 -2.77 -30.04 23.35
N LYS B 21 -3.43 -28.84 23.27
CA LYS B 21 -4.61 -28.42 24.04
C LYS B 21 -4.40 -28.40 25.54
N GLN B 22 -3.16 -28.17 25.97
CA GLN B 22 -2.80 -28.00 27.37
C GLN B 22 -2.96 -26.54 27.82
N LEU B 23 -3.00 -25.62 26.88
CA LEU B 23 -3.25 -24.20 27.08
C LEU B 23 -4.34 -23.85 26.09
N ASN B 24 -5.13 -22.83 26.39
CA ASN B 24 -6.15 -22.37 25.47
C ASN B 24 -5.86 -20.95 24.91
N TYR B 25 -4.77 -20.31 25.32
CA TYR B 25 -4.45 -18.97 24.87
C TYR B 25 -2.94 -18.66 24.95
N VAL B 26 -2.37 -18.18 23.85
CA VAL B 26 -0.98 -17.77 23.79
C VAL B 26 -0.93 -16.42 23.07
N GLN B 27 -0.42 -15.40 23.73
CA GLN B 27 -0.23 -14.09 23.11
C GLN B 27 1.27 -13.88 22.91
N LEU B 28 1.65 -13.48 21.69
CA LEU B 28 3.04 -13.25 21.32
C LEU B 28 3.23 -11.79 20.89
N GLU B 29 4.45 -11.30 21.04
CA GLU B 29 4.79 -9.96 20.61
C GLU B 29 6.13 -9.95 19.89
N ILE B 30 6.36 -8.93 19.07
CA ILE B 30 7.64 -8.78 18.41
C ILE B 30 8.50 -7.82 19.21
N ASP B 31 9.70 -8.26 19.62
CA ASP B 31 10.74 -7.46 20.28
C ASP B 31 11.32 -6.74 19.06
N ILE B 32 10.84 -5.52 18.76
CA ILE B 32 11.20 -4.80 17.54
C ILE B 32 12.71 -4.62 17.32
N LYS B 33 13.45 -4.17 18.34
CA LYS B 33 14.88 -3.94 18.15
C LYS B 33 15.68 -5.23 17.93
N ASN B 34 15.38 -6.29 18.69
CA ASN B 34 16.09 -7.56 18.55
C ASN B 34 15.57 -8.47 17.44
N GLU B 35 14.52 -8.04 16.71
CA GLU B 35 13.90 -8.80 15.62
C GLU B 35 13.54 -10.24 16.06
N THR B 36 12.77 -10.35 17.15
CA THR B 36 12.41 -11.66 17.67
C THR B 36 10.94 -11.74 18.07
N ILE B 37 10.34 -12.92 17.97
CA ILE B 37 8.97 -13.15 18.44
C ILE B 37 9.11 -13.75 19.84
N ILE B 38 8.52 -13.07 20.88
CA ILE B 38 8.60 -13.49 22.28
C ILE B 38 7.21 -13.70 22.90
N LEU B 39 7.17 -14.40 24.05
CA LEU B 39 5.93 -14.71 24.77
C LEU B 39 5.44 -13.51 25.59
N ALA B 40 4.16 -13.16 25.46
CA ALA B 40 3.61 -12.01 26.17
C ALA B 40 2.67 -12.39 27.28
N ASN B 41 1.83 -13.42 27.06
CA ASN B 41 0.80 -13.80 28.02
C ASN B 41 0.27 -15.21 27.64
N THR B 42 0.03 -16.10 28.65
CA THR B 42 -0.50 -17.45 28.44
C THR B 42 -1.62 -17.79 29.44
N GLU B 43 -2.30 -16.76 30.02
CA GLU B 43 -3.37 -16.95 30.99
C GLU B 43 -4.48 -17.86 30.48
N ASN B 44 -5.14 -18.59 31.41
CA ASN B 44 -6.29 -19.39 31.03
C ASN B 44 -7.41 -18.43 30.55
N THR B 45 -7.86 -18.66 29.30
CA THR B 45 -8.81 -17.78 28.66
C THR B 45 -9.99 -18.45 28.02
N GLU B 46 -11.16 -18.21 28.58
CA GLU B 46 -12.40 -18.65 27.97
C GLU B 46 -12.84 -17.51 27.04
N LEU B 47 -13.74 -17.78 26.13
CA LEU B 47 -14.20 -16.77 25.16
C LEU B 47 -14.64 -15.42 25.81
N ARG B 48 -15.27 -15.45 27.00
CA ARG B 48 -15.76 -14.25 27.68
C ARG B 48 -14.66 -13.35 28.23
N ASP B 49 -13.51 -13.94 28.57
CA ASP B 49 -12.34 -13.19 29.04
C ASP B 49 -11.45 -12.72 27.86
N LEU B 50 -11.64 -13.27 26.65
CA LEU B 50 -10.82 -12.97 25.50
C LEU B 50 -10.77 -11.47 25.19
N PRO B 51 -11.89 -10.71 25.13
CA PRO B 51 -11.78 -9.27 24.84
C PRO B 51 -10.81 -8.50 25.75
N LYS B 52 -10.69 -8.93 27.02
CA LYS B 52 -9.85 -8.27 28.00
C LYS B 52 -8.36 -8.66 27.97
N ARG B 53 -7.94 -9.41 26.96
CA ARG B 53 -6.54 -9.80 26.82
C ARG B 53 -5.80 -8.93 25.81
N ILE B 54 -6.55 -8.36 24.87
CA ILE B 54 -6.04 -7.58 23.74
C ILE B 54 -5.56 -6.20 24.16
N PRO B 55 -4.25 -5.92 24.09
CA PRO B 55 -3.75 -4.59 24.47
C PRO B 55 -4.41 -3.48 23.66
N LYS B 56 -4.48 -2.27 24.23
CA LYS B 56 -5.10 -1.14 23.54
C LYS B 56 -4.09 -0.25 22.79
N ASP B 57 -2.81 -0.33 23.16
CA ASP B 57 -1.76 0.53 22.67
C ASP B 57 -0.75 -0.13 21.76
N SER B 58 -0.82 -1.45 21.56
CA SER B 58 0.17 -2.11 20.73
C SER B 58 -0.37 -3.32 19.99
N ALA B 59 0.24 -3.63 18.83
CA ALA B 59 -0.15 -4.75 18.02
C ALA B 59 0.25 -6.08 18.67
N ARG B 60 -0.49 -7.18 18.40
CA ARG B 60 -0.19 -8.49 19.00
C ARG B 60 -0.62 -9.63 18.12
N TYR B 61 -0.04 -10.82 18.41
CA TYR B 61 -0.41 -12.11 17.84
C TYR B 61 -1.06 -12.92 18.99
N HIS B 62 -2.13 -13.66 18.67
CA HIS B 62 -2.82 -14.47 19.64
C HIS B 62 -3.24 -15.78 19.04
N PHE B 63 -3.07 -16.85 19.77
CA PHE B 63 -3.57 -18.14 19.40
C PHE B 63 -4.62 -18.44 20.46
N PHE B 64 -5.85 -18.73 20.02
CA PHE B 64 -6.94 -18.96 20.97
C PHE B 64 -7.69 -20.24 20.63
N LEU B 65 -7.99 -21.07 21.65
CA LEU B 65 -8.74 -22.29 21.43
C LEU B 65 -10.22 -21.94 21.55
N TYR B 66 -10.90 -21.84 20.41
CA TYR B 66 -12.31 -21.47 20.34
C TYR B 66 -13.23 -22.72 20.43
N LYS B 67 -13.73 -23.03 21.61
CA LYS B 67 -14.60 -24.20 21.82
C LYS B 67 -16.05 -23.79 21.62
N HIS B 68 -16.73 -24.42 20.65
CA HIS B 68 -18.10 -24.06 20.29
C HIS B 68 -18.82 -25.17 19.49
N SER B 69 -20.17 -25.16 19.49
CA SER B 69 -20.92 -26.14 18.69
C SER B 69 -21.21 -25.58 17.29
N HIS B 70 -21.19 -26.44 16.27
CA HIS B 70 -21.51 -26.08 14.89
C HIS B 70 -22.18 -27.27 14.26
N GLU B 71 -23.49 -27.17 14.03
CA GLU B 71 -24.32 -28.21 13.42
C GLU B 71 -24.19 -29.59 14.07
N GLY B 72 -24.32 -29.65 15.39
CA GLY B 72 -24.28 -30.92 16.10
C GLY B 72 -22.91 -31.41 16.52
N ASP B 73 -21.84 -30.78 15.98
CA ASP B 73 -20.48 -31.12 16.37
C ASP B 73 -19.98 -30.16 17.44
N TYR B 74 -19.08 -30.62 18.30
CA TYR B 74 -18.43 -29.73 19.25
C TYR B 74 -17.02 -29.53 18.70
N LEU B 75 -16.64 -28.28 18.41
CA LEU B 75 -15.34 -28.02 17.83
C LEU B 75 -14.41 -27.25 18.77
N GLU B 76 -13.16 -27.66 18.86
CA GLU B 76 -12.15 -26.94 19.62
C GLU B 76 -11.28 -26.34 18.53
N SER B 77 -11.67 -25.19 18.00
CA SER B 77 -11.00 -24.59 16.86
C SER B 77 -9.88 -23.59 17.21
N VAL B 78 -8.59 -23.91 16.96
CA VAL B 78 -7.52 -22.95 17.20
C VAL B 78 -7.66 -21.80 16.19
N VAL B 79 -7.83 -20.59 16.68
CA VAL B 79 -7.95 -19.39 15.84
C VAL B 79 -6.73 -18.48 16.02
N PHE B 80 -6.34 -17.79 14.95
CA PHE B 80 -5.19 -16.87 15.00
C PHE B 80 -5.74 -15.47 15.02
N ILE B 81 -5.16 -14.57 15.84
CA ILE B 81 -5.64 -13.20 15.90
C ILE B 81 -4.47 -12.21 15.80
N TYR B 82 -4.57 -11.29 14.85
CA TYR B 82 -3.62 -10.23 14.64
C TYR B 82 -4.35 -8.93 15.06
N SER B 83 -4.14 -8.49 16.31
CA SER B 83 -4.75 -7.27 16.80
C SER B 83 -3.85 -6.09 16.50
N MET B 84 -4.41 -5.01 15.96
CA MET B 84 -3.65 -3.81 15.66
C MET B 84 -4.56 -2.66 16.07
N PRO B 85 -4.25 -2.01 17.20
CA PRO B 85 -5.16 -0.99 17.72
C PRO B 85 -5.22 0.31 16.95
N GLY B 86 -4.21 0.61 16.15
CA GLY B 86 -4.23 1.81 15.34
C GLY B 86 -2.94 2.61 15.30
N TYR B 87 -3.08 3.93 15.16
CA TYR B 87 -1.94 4.82 15.04
C TYR B 87 -1.09 4.95 16.29
N THR B 88 -1.48 4.27 17.40
CA THR B 88 -0.57 4.19 18.57
C THR B 88 0.67 3.33 18.19
N CYS B 89 0.53 2.46 17.17
CA CYS B 89 1.62 1.64 16.71
C CYS B 89 2.35 2.46 15.67
N SER B 90 3.69 2.51 15.78
CA SER B 90 4.49 3.18 14.76
C SER B 90 4.35 2.42 13.40
N ILE B 91 4.82 3.04 12.30
CA ILE B 91 4.80 2.40 10.98
C ILE B 91 5.68 1.12 11.03
N ARG B 92 6.81 1.18 11.76
N ARG B 92 6.81 1.18 11.76
CA ARG B 92 7.72 0.05 11.90
CA ARG B 92 7.73 0.05 11.90
C ARG B 92 7.02 -1.09 12.63
C ARG B 92 7.06 -1.09 12.65
N GLU B 93 6.29 -0.78 13.70
CA GLU B 93 5.57 -1.82 14.45
C GLU B 93 4.49 -2.43 13.56
N ARG B 94 3.71 -1.59 12.88
CA ARG B 94 2.66 -2.07 11.97
C ARG B 94 3.23 -2.95 10.86
N MET B 95 4.38 -2.55 10.26
CA MET B 95 5.01 -3.29 9.15
C MET B 95 5.59 -4.63 9.60
N LEU B 96 6.16 -4.68 10.80
CA LEU B 96 6.76 -5.92 11.30
C LEU B 96 5.72 -6.94 11.65
N TYR B 97 4.60 -6.51 12.23
CA TYR B 97 3.54 -7.44 12.57
C TYR B 97 2.86 -8.04 11.34
N SER B 98 2.77 -7.26 10.25
CA SER B 98 2.15 -7.73 9.02
C SER B 98 3.11 -8.67 8.25
N SER B 99 4.38 -8.28 8.17
CA SER B 99 5.39 -9.03 7.44
C SER B 99 5.79 -10.30 8.15
N CYS B 100 5.79 -10.31 9.48
CA CYS B 100 6.17 -11.47 10.24
C CYS B 100 5.06 -12.50 10.39
N LYS B 101 3.79 -12.14 10.08
CA LYS B 101 2.61 -13.00 10.27
C LYS B 101 2.66 -14.36 9.56
N SER B 102 2.80 -14.37 8.20
CA SER B 102 2.84 -15.60 7.41
C SER B 102 3.96 -16.57 7.82
N PRO B 103 5.22 -16.12 8.00
CA PRO B 103 6.28 -17.07 8.37
C PRO B 103 6.01 -17.73 9.71
N LEU B 104 5.49 -16.95 10.70
CA LEU B 104 5.12 -17.48 12.02
C LEU B 104 4.01 -18.52 11.85
N LEU B 105 3.02 -18.26 10.98
CA LEU B 105 1.94 -19.21 10.75
C LEU B 105 2.43 -20.47 10.04
N GLU B 106 3.44 -20.35 9.15
CA GLU B 106 3.97 -21.51 8.46
C GLU B 106 4.80 -22.38 9.44
N ILE B 107 5.67 -21.76 10.26
CA ILE B 107 6.47 -22.51 11.23
C ILE B 107 5.60 -23.30 12.22
N VAL B 108 4.51 -22.67 12.67
CA VAL B 108 3.56 -23.28 13.60
C VAL B 108 2.83 -24.50 12.95
N GLU B 109 2.57 -24.45 11.66
CA GLU B 109 1.93 -25.56 10.93
C GLU B 109 2.93 -26.70 10.62
N ARG B 110 4.12 -26.33 10.11
CA ARG B 110 5.15 -27.26 9.74
C ARG B 110 5.73 -27.99 10.95
N GLN B 111 6.02 -27.29 12.03
CA GLN B 111 6.63 -27.92 13.19
C GLN B 111 5.66 -28.45 14.22
N LEU B 112 4.60 -27.71 14.55
CA LEU B 112 3.69 -28.14 15.59
C LEU B 112 2.40 -28.76 15.11
N GLN B 113 2.19 -28.86 13.78
CA GLN B 113 0.94 -29.43 13.23
C GLN B 113 -0.32 -28.85 13.86
N MET B 114 -0.24 -27.55 14.18
CA MET B 114 -1.38 -26.85 14.71
C MET B 114 -2.33 -26.62 13.57
N ASP B 115 -3.62 -26.78 13.81
CA ASP B 115 -4.60 -26.64 12.73
C ASP B 115 -5.32 -25.35 12.94
N VAL B 116 -4.73 -24.26 12.45
CA VAL B 116 -5.33 -22.94 12.55
C VAL B 116 -6.53 -22.91 11.60
N ILE B 117 -7.74 -22.89 12.15
CA ILE B 117 -8.97 -22.94 11.37
C ILE B 117 -9.28 -21.56 10.74
N ARG B 118 -8.88 -20.46 11.40
CA ARG B 118 -9.10 -19.11 10.86
C ARG B 118 -8.04 -18.15 11.31
N LYS B 119 -7.74 -17.14 10.47
CA LYS B 119 -6.82 -16.06 10.81
C LYS B 119 -7.69 -14.78 10.83
N ILE B 120 -7.75 -14.12 11.97
CA ILE B 120 -8.62 -12.95 12.17
C ILE B 120 -7.75 -11.71 12.43
N GLU B 121 -8.20 -10.55 11.97
CA GLU B 121 -7.49 -9.30 12.20
C GLU B 121 -8.51 -8.31 12.77
N ILE B 122 -8.18 -7.69 13.92
CA ILE B 122 -9.08 -6.79 14.63
C ILE B 122 -8.41 -5.48 15.06
N ASP B 123 -9.23 -4.43 15.15
CA ASP B 123 -8.79 -3.13 15.65
C ASP B 123 -8.68 -3.27 17.18
N ASN B 124 -9.70 -3.89 17.85
CA ASN B 124 -9.63 -3.99 19.31
C ASN B 124 -10.38 -5.19 19.89
N GLY B 125 -10.00 -5.57 21.10
CA GLY B 125 -10.56 -6.70 21.84
C GLY B 125 -12.06 -6.70 21.99
N ASP B 126 -12.68 -5.53 22.11
CA ASP B 126 -14.13 -5.45 22.29
C ASP B 126 -14.95 -6.03 21.12
N GLU B 127 -14.27 -6.32 19.98
CA GLU B 127 -14.84 -6.94 18.80
C GLU B 127 -15.03 -8.45 18.98
N LEU B 128 -14.19 -9.09 19.79
CA LEU B 128 -14.18 -10.55 19.98
C LEU B 128 -15.35 -11.10 20.83
N THR B 129 -16.59 -10.78 20.43
CA THR B 129 -17.81 -11.28 21.04
C THR B 129 -18.08 -12.68 20.50
N ALA B 130 -18.91 -13.46 21.18
CA ALA B 130 -19.23 -14.82 20.76
C ALA B 130 -19.79 -14.93 19.33
N ASP B 131 -20.66 -13.99 18.93
CA ASP B 131 -21.24 -13.97 17.58
C ASP B 131 -20.17 -13.69 16.54
N PHE B 132 -19.25 -12.76 16.84
CA PHE B 132 -18.20 -12.38 15.91
C PHE B 132 -17.30 -13.54 15.67
N LEU B 133 -16.91 -14.27 16.75
CA LEU B 133 -16.03 -15.43 16.56
C LEU B 133 -16.72 -16.49 15.71
N TYR B 134 -18.01 -16.70 15.95
CA TYR B 134 -18.80 -17.64 15.18
C TYR B 134 -18.91 -17.24 13.70
N ASP B 135 -19.14 -15.96 13.38
CA ASP B 135 -19.24 -15.52 11.98
C ASP B 135 -17.90 -15.59 11.23
N GLU B 136 -16.77 -15.49 11.93
CA GLU B 136 -15.47 -15.57 11.29
C GLU B 136 -15.16 -17.01 10.93
N VAL B 137 -15.43 -17.95 11.86
CA VAL B 137 -15.13 -19.36 11.65
C VAL B 137 -16.14 -19.99 10.71
N HIS B 138 -17.41 -19.63 10.85
CA HIS B 138 -18.45 -20.18 10.02
C HIS B 138 -19.18 -19.04 9.36
N PRO B 139 -18.64 -18.53 8.24
CA PRO B 139 -19.27 -17.36 7.59
C PRO B 139 -20.54 -17.65 6.79
N LYS B 140 -20.88 -18.96 6.60
CA LYS B 140 -22.08 -19.48 5.89
C LYS B 140 -22.25 -18.93 4.46
#